data_5POJ
#
_entry.id   5POJ
#
_cell.length_a   55.716
_cell.length_b   56.384
_cell.length_c   101.685
_cell.angle_alpha   90.000
_cell.angle_beta   90.000
_cell.angle_gamma   90.000
#
_symmetry.space_group_name_H-M   'P 21 21 21'
#
loop_
_entity.id
_entity.type
_entity.pdbx_description
1 polymer 'Bromodomain-containing protein 1'
2 non-polymer 1,2-ETHANEDIOL
3 non-polymer N-(1-benzylpiperidin-4-yl)acetamide
4 non-polymer 'SODIUM ION'
5 water water
#
_entity_poly.entity_id   1
_entity_poly.type   'polypeptide(L)'
_entity_poly.pdbx_seq_one_letter_code
;MHHHHHHSSGVDLGTENLYFQSMEQVAMELRLTELTRLLRSVLDQLQDKDPARIFAQPVSLKEVPDYLDHIKHPMDFATM
RKRLEAQGYKNLHEFEEDFDLIIDNCMKYNARDTVFYRAAVRLRDQGGVVLRQARREVDSIGLEEASGMHLPERPA
;
_entity_poly.pdbx_strand_id   A,B
#
loop_
_chem_comp.id
_chem_comp.type
_chem_comp.name
_chem_comp.formula
8RV non-polymer N-(1-benzylpiperidin-4-yl)acetamide 'C14 H20 N2 O'
EDO non-polymer 1,2-ETHANEDIOL 'C2 H6 O2'
NA non-polymer 'SODIUM ION' 'Na 1'
#
# COMPACT_ATOMS: atom_id res chain seq x y z
N SER A 22 14.82 33.75 -1.47
CA SER A 22 14.53 34.46 -0.23
C SER A 22 15.19 33.75 0.94
N MET A 23 15.17 34.37 2.12
CA MET A 23 15.69 33.73 3.30
CA MET A 23 15.73 33.71 3.29
C MET A 23 14.87 32.49 3.65
N GLU A 24 13.57 32.59 3.40
CA GLU A 24 12.65 31.51 3.73
C GLU A 24 13.08 30.25 2.94
N GLN A 25 13.56 30.43 1.68
CA GLN A 25 13.66 29.28 0.73
C GLN A 25 14.90 28.58 1.27
N VAL A 26 15.86 29.40 1.68
CA VAL A 26 17.14 28.93 2.19
C VAL A 26 16.93 28.12 3.46
N ALA A 27 16.13 28.67 4.37
CA ALA A 27 15.84 28.00 5.62
C ALA A 27 15.21 26.65 5.35
N MET A 28 14.24 26.62 4.44
CA MET A 28 13.60 25.39 4.00
C MET A 28 14.63 24.38 3.48
N GLU A 29 15.57 24.86 2.66
CA GLU A 29 16.58 24.00 2.06
C GLU A 29 17.59 23.50 3.10
N LEU A 30 17.86 24.30 4.12
CA LEU A 30 18.69 23.84 5.23
C LEU A 30 18.01 22.68 5.95
N ARG A 31 16.69 22.80 6.13
CA ARG A 31 15.93 21.76 6.80
C ARG A 31 15.90 20.49 5.96
N LEU A 32 15.66 20.63 4.65
CA LEU A 32 15.68 19.47 3.75
C LEU A 32 17.04 18.78 3.76
N THR A 33 18.10 19.58 3.83
CA THR A 33 19.47 19.04 3.84
C THR A 33 19.75 18.28 5.12
N GLU A 34 19.24 18.77 6.26
CA GLU A 34 19.44 18.07 7.51
C GLU A 34 18.54 16.83 7.60
N LEU A 35 17.37 16.91 6.97
CA LEU A 35 16.53 15.72 6.85
C LEU A 35 17.28 14.67 6.04
N THR A 36 17.84 15.11 4.91
CA THR A 36 18.60 14.21 4.04
C THR A 36 19.76 13.57 4.79
N ARG A 37 20.41 14.34 5.67
CA ARG A 37 21.51 13.81 6.47
C ARG A 37 21.03 12.73 7.43
N LEU A 38 19.86 12.96 8.01
CA LEU A 38 19.27 11.99 8.94
C LEU A 38 18.90 10.72 8.20
N LEU A 39 18.24 10.87 7.06
CA LEU A 39 17.76 9.74 6.26
C LEU A 39 18.91 8.93 5.66
N ARG A 40 20.03 9.58 5.36
CA ARG A 40 21.20 8.88 4.86
C ARG A 40 21.72 7.93 5.94
N SER A 41 21.73 8.41 7.18
CA SER A 41 22.15 7.61 8.31
C SER A 41 21.20 6.42 8.48
N VAL A 42 19.90 6.71 8.44
CA VAL A 42 18.87 5.67 8.55
C VAL A 42 19.01 4.61 7.47
N LEU A 43 19.19 5.06 6.22
CA LEU A 43 19.34 4.14 5.10
C LEU A 43 20.56 3.25 5.29
N ASP A 44 21.64 3.83 5.81
CA ASP A 44 22.86 3.08 6.07
C ASP A 44 22.62 2.03 7.15
N GLN A 45 21.86 2.40 8.17
CA GLN A 45 21.53 1.46 9.23
C GLN A 45 20.62 0.36 8.73
N LEU A 46 19.64 0.72 7.89
CA LEU A 46 18.71 -0.25 7.36
C LEU A 46 19.42 -1.26 6.48
N GLN A 47 20.38 -0.78 5.70
CA GLN A 47 21.10 -1.61 4.78
C GLN A 47 22.06 -2.56 5.51
N ASP A 48 22.47 -2.18 6.71
CA ASP A 48 23.29 -3.07 7.54
C ASP A 48 22.49 -4.28 8.01
N LYS A 49 21.17 -4.17 8.02
CA LYS A 49 20.32 -5.26 8.46
C LYS A 49 19.99 -6.20 7.30
N ASP A 50 20.67 -5.98 6.18
CA ASP A 50 20.58 -6.83 4.98
C ASP A 50 21.98 -7.29 4.56
N PRO A 51 22.62 -8.13 5.39
CA PRO A 51 24.02 -8.49 5.12
C PRO A 51 24.19 -9.26 3.81
N ALA A 52 23.18 -10.06 3.46
CA ALA A 52 23.21 -10.82 2.22
C ALA A 52 23.05 -9.93 0.99
N ARG A 53 22.62 -8.69 1.25
CA ARG A 53 22.40 -7.68 0.21
C ARG A 53 21.35 -8.13 -0.81
N ILE A 54 20.32 -8.77 -0.30
CA ILE A 54 19.19 -9.22 -1.10
C ILE A 54 18.40 -8.02 -1.67
N PHE A 55 18.42 -6.90 -0.95
CA PHE A 55 17.64 -5.72 -1.32
C PHE A 55 18.47 -4.54 -1.82
N ALA A 56 19.76 -4.80 -2.07
CA ALA A 56 20.70 -3.76 -2.46
C ALA A 56 20.42 -3.14 -3.83
N GLN A 57 19.87 -3.92 -4.76
CA GLN A 57 19.76 -3.51 -6.17
C GLN A 57 18.37 -3.87 -6.74
N PRO A 58 17.93 -3.18 -7.81
CA PRO A 58 16.67 -3.58 -8.45
C PRO A 58 16.64 -5.05 -8.82
N VAL A 59 15.49 -5.70 -8.68
CA VAL A 59 15.32 -7.06 -9.21
C VAL A 59 15.61 -7.04 -10.71
N SER A 60 16.52 -7.92 -11.13
CA SER A 60 16.93 -7.99 -12.54
C SER A 60 15.83 -8.54 -13.47
N LEU A 61 15.48 -7.76 -14.48
CA LEU A 61 14.44 -8.17 -15.42
C LEU A 61 15.01 -9.16 -16.42
N LYS A 62 16.33 -9.31 -16.44
CA LYS A 62 16.93 -10.34 -17.27
C LYS A 62 16.77 -11.70 -16.60
N GLU A 63 16.92 -11.74 -15.27
CA GLU A 63 16.77 -12.97 -14.52
C GLU A 63 15.32 -13.26 -14.14
N VAL A 64 14.52 -12.20 -14.00
CA VAL A 64 13.10 -12.38 -13.72
C VAL A 64 12.30 -11.57 -14.72
N PRO A 65 12.20 -12.05 -15.97
CA PRO A 65 11.63 -11.21 -17.04
C PRO A 65 10.14 -10.87 -16.83
N ASP A 66 9.41 -11.60 -16.01
CA ASP A 66 8.01 -11.27 -15.78
C ASP A 66 7.77 -10.58 -14.43
N TYR A 67 8.83 -10.08 -13.81
CA TYR A 67 8.70 -9.47 -12.48
C TYR A 67 7.63 -8.37 -12.45
N LEU A 68 7.56 -7.56 -13.51
CA LEU A 68 6.64 -6.42 -13.49
C LEU A 68 5.18 -6.84 -13.67
N ASP A 69 4.95 -8.09 -14.07
CA ASP A 69 3.59 -8.64 -14.08
C ASP A 69 3.09 -8.87 -12.66
N HIS A 70 4.03 -9.06 -11.75
CA HIS A 70 3.74 -9.37 -10.34
C HIS A 70 3.80 -8.13 -9.46
N ILE A 71 4.85 -7.36 -9.61
CA ILE A 71 5.10 -6.22 -8.75
C ILE A 71 5.01 -4.93 -9.56
N LYS A 72 4.06 -4.07 -9.19
CA LYS A 72 3.80 -2.88 -10.00
C LYS A 72 4.69 -1.71 -9.63
N HIS A 73 5.25 -1.71 -8.42
CA HIS A 73 6.16 -0.64 -8.01
C HIS A 73 7.42 -1.18 -7.34
N PRO A 74 8.37 -1.65 -8.17
CA PRO A 74 9.65 -2.15 -7.64
C PRO A 74 10.38 -1.12 -6.82
N MET A 75 11.13 -1.59 -5.83
CA MET A 75 11.95 -0.69 -5.03
C MET A 75 13.13 -1.49 -4.47
N ASP A 76 14.20 -0.78 -4.14
CA ASP A 76 15.42 -1.39 -3.67
C ASP A 76 16.25 -0.29 -3.04
N PHE A 77 17.29 -0.66 -2.30
CA PHE A 77 18.10 0.31 -1.58
C PHE A 77 18.89 1.27 -2.49
N ALA A 78 19.37 0.76 -3.64
CA ALA A 78 20.10 1.63 -4.55
C ALA A 78 19.19 2.71 -5.10
N THR A 79 17.96 2.33 -5.44
CA THR A 79 17.00 3.28 -5.99
C THR A 79 16.67 4.32 -4.93
N MET A 80 16.48 3.89 -3.67
CA MET A 80 16.23 4.84 -2.58
C MET A 80 17.39 5.82 -2.43
N ARG A 81 18.60 5.31 -2.53
CA ARG A 81 19.77 6.15 -2.30
C ARG A 81 19.88 7.23 -3.38
N LYS A 82 19.51 6.90 -4.61
CA LYS A 82 19.49 7.89 -5.68
C LYS A 82 18.47 9.00 -5.40
N ARG A 83 17.28 8.61 -4.96
CA ARG A 83 16.26 9.60 -4.63
C ARG A 83 16.73 10.43 -3.44
N LEU A 84 17.34 9.77 -2.48
CA LEU A 84 17.83 10.41 -1.27
C LEU A 84 18.83 11.51 -1.60
N GLU A 85 19.76 11.19 -2.49
CA GLU A 85 20.84 12.13 -2.76
C GLU A 85 20.39 13.27 -3.66
N ALA A 86 19.26 13.09 -4.35
CA ALA A 86 18.66 14.19 -5.09
C ALA A 86 17.68 14.96 -4.19
N GLN A 87 17.82 14.76 -2.87
CA GLN A 87 16.91 15.32 -1.87
C GLN A 87 15.45 15.15 -2.27
N GLY A 88 15.11 13.95 -2.71
CA GLY A 88 13.78 13.63 -3.17
C GLY A 88 12.81 13.12 -2.10
N TYR A 89 13.28 12.97 -0.87
CA TYR A 89 12.38 12.67 0.23
C TYR A 89 12.08 13.95 1.03
N LYS A 90 10.84 14.42 0.93
CA LYS A 90 10.42 15.68 1.56
C LYS A 90 10.18 15.49 3.05
N ASN A 91 9.90 14.25 3.44
CA ASN A 91 9.62 13.92 4.83
C ASN A 91 9.95 12.46 5.11
N LEU A 92 9.83 12.03 6.37
CA LEU A 92 10.14 10.63 6.70
C LEU A 92 9.09 9.67 6.12
N HIS A 93 7.85 10.12 6.04
CA HIS A 93 6.77 9.26 5.53
C HIS A 93 7.10 8.76 4.11
N GLU A 94 7.56 9.64 3.25
CA GLU A 94 7.86 9.24 1.88
C GLU A 94 8.98 8.21 1.84
N PHE A 95 9.96 8.38 2.71
CA PHE A 95 11.10 7.45 2.85
C PHE A 95 10.59 6.10 3.34
N GLU A 96 9.76 6.11 4.36
CA GLU A 96 9.20 4.87 4.91
C GLU A 96 8.35 4.13 3.89
N GLU A 97 7.62 4.88 3.07
N GLU A 97 7.64 4.86 3.04
CA GLU A 97 6.84 4.30 1.99
CA GLU A 97 6.81 4.21 2.03
C GLU A 97 7.70 3.41 1.10
C GLU A 97 7.66 3.44 1.02
N ASP A 98 8.86 3.93 0.71
CA ASP A 98 9.77 3.20 -0.17
C ASP A 98 10.35 2.00 0.56
N PHE A 99 10.70 2.17 1.83
CA PHE A 99 11.26 1.05 2.59
C PHE A 99 10.22 -0.08 2.68
N ASP A 100 8.98 0.30 2.95
CA ASP A 100 7.90 -0.68 3.02
C ASP A 100 7.67 -1.39 1.67
N LEU A 101 7.83 -0.68 0.56
CA LEU A 101 7.73 -1.32 -0.75
C LEU A 101 8.74 -2.45 -0.90
N ILE A 102 9.97 -2.20 -0.47
CA ILE A 102 11.00 -3.22 -0.57
C ILE A 102 10.55 -4.51 0.12
N ILE A 103 10.09 -4.36 1.35
CA ILE A 103 9.63 -5.49 2.18
CA ILE A 103 9.65 -5.50 2.16
C ILE A 103 8.40 -6.15 1.57
N ASP A 104 7.39 -5.35 1.30
CA ASP A 104 6.12 -5.87 0.86
C ASP A 104 6.21 -6.54 -0.51
N ASN A 105 6.95 -5.96 -1.44
CA ASN A 105 7.14 -6.59 -2.74
C ASN A 105 7.72 -8.00 -2.58
N CYS A 106 8.68 -8.11 -1.70
CA CYS A 106 9.44 -9.34 -1.51
C CYS A 106 8.56 -10.41 -0.89
N MET A 107 7.74 -10.01 0.08
CA MET A 107 6.91 -10.97 0.77
C MET A 107 5.71 -11.41 -0.09
N LYS A 108 5.43 -10.72 -1.20
CA LYS A 108 4.42 -11.21 -2.12
CA LYS A 108 4.43 -11.16 -2.19
C LYS A 108 5.06 -12.10 -3.21
N TYR A 109 6.17 -11.63 -3.79
CA TYR A 109 6.79 -12.35 -4.89
C TYR A 109 7.36 -13.67 -4.44
N ASN A 110 7.92 -13.71 -3.24
CA ASN A 110 8.58 -14.91 -2.75
C ASN A 110 7.73 -15.62 -1.73
N ALA A 111 7.71 -16.96 -1.80
CA ALA A 111 6.94 -17.75 -0.84
C ALA A 111 7.50 -17.69 0.57
N ARG A 112 6.63 -17.99 1.51
CA ARG A 112 6.93 -17.87 2.92
C ARG A 112 8.17 -18.66 3.37
N ASP A 113 8.43 -19.80 2.74
CA ASP A 113 9.54 -20.66 3.17
C ASP A 113 10.83 -20.43 2.39
N THR A 114 11.01 -19.24 1.84
CA THR A 114 12.22 -18.96 1.07
C THR A 114 13.15 -18.09 1.87
N VAL A 115 14.43 -18.13 1.52
CA VAL A 115 15.42 -17.28 2.16
C VAL A 115 15.13 -15.81 1.85
N PHE A 116 14.49 -15.55 0.71
CA PHE A 116 14.13 -14.18 0.33
C PHE A 116 13.03 -13.60 1.23
N TYR A 117 11.95 -14.35 1.39
CA TYR A 117 10.86 -13.92 2.26
C TYR A 117 11.38 -13.71 3.68
N ARG A 118 12.16 -14.67 4.15
CA ARG A 118 12.62 -14.59 5.53
C ARG A 118 13.58 -13.42 5.75
N ALA A 119 14.36 -13.06 4.73
CA ALA A 119 15.24 -11.90 4.83
C ALA A 119 14.41 -10.61 4.98
N ALA A 120 13.28 -10.54 4.26
CA ALA A 120 12.44 -9.36 4.36
C ALA A 120 11.80 -9.26 5.74
N VAL A 121 11.38 -10.38 6.31
CA VAL A 121 10.79 -10.37 7.65
C VAL A 121 11.80 -9.85 8.68
N ARG A 122 13.03 -10.34 8.57
CA ARG A 122 14.07 -9.95 9.52
C ARG A 122 14.41 -8.46 9.34
N LEU A 123 14.52 -8.02 8.09
CA LEU A 123 14.74 -6.61 7.79
C LEU A 123 13.61 -5.72 8.31
N ARG A 124 12.36 -6.13 8.08
CA ARG A 124 11.20 -5.41 8.61
CA ARG A 124 11.23 -5.37 8.61
C ARG A 124 11.31 -5.22 10.13
N ASP A 125 11.51 -6.33 10.84
CA ASP A 125 11.56 -6.31 12.30
C ASP A 125 12.71 -5.46 12.85
N GLN A 126 13.92 -5.70 12.33
CA GLN A 126 15.09 -4.96 12.80
C GLN A 126 15.01 -3.50 12.38
N GLY A 127 14.45 -3.25 11.20
CA GLY A 127 14.36 -1.90 10.69
C GLY A 127 13.40 -1.05 11.49
N GLY A 128 12.38 -1.69 12.06
CA GLY A 128 11.35 -0.99 12.79
C GLY A 128 11.87 -0.23 13.99
N VAL A 129 12.91 -0.77 14.62
CA VAL A 129 13.56 -0.12 15.76
C VAL A 129 14.20 1.19 15.33
N VAL A 130 14.93 1.13 14.22
CA VAL A 130 15.60 2.29 13.64
C VAL A 130 14.61 3.37 13.26
N LEU A 131 13.54 2.97 12.57
CA LEU A 131 12.54 3.92 12.09
C LEU A 131 11.72 4.54 13.21
N ARG A 132 11.49 3.78 14.28
CA ARG A 132 10.79 4.29 15.45
C ARG A 132 11.54 5.47 16.08
N GLN A 133 12.85 5.39 16.18
CA GLN A 133 13.59 6.48 16.79
C GLN A 133 13.84 7.60 15.78
N ALA A 134 13.95 7.25 14.50
CA ALA A 134 14.06 8.25 13.45
C ALA A 134 12.83 9.17 13.45
N ARG A 135 11.65 8.61 13.67
CA ARG A 135 10.44 9.40 13.72
C ARG A 135 10.49 10.40 14.87
N ARG A 136 11.01 9.95 16.00
CA ARG A 136 11.12 10.84 17.15
C ARG A 136 12.14 11.96 16.86
N GLU A 137 13.25 11.63 16.20
CA GLU A 137 14.25 12.64 15.91
C GLU A 137 13.74 13.66 14.90
N VAL A 138 12.98 13.19 13.92
CA VAL A 138 12.36 14.08 12.93
C VAL A 138 11.44 15.08 13.62
N ASP A 139 10.54 14.58 14.47
CA ASP A 139 9.61 15.43 15.20
C ASP A 139 10.32 16.37 16.17
N SER A 140 11.29 15.84 16.93
CA SER A 140 11.96 16.62 17.97
C SER A 140 12.76 17.78 17.38
N ILE A 141 13.60 17.48 16.40
CA ILE A 141 14.43 18.52 15.78
C ILE A 141 13.56 19.45 14.94
N GLY A 142 12.42 18.93 14.49
CA GLY A 142 11.54 19.69 13.61
C GLY A 142 12.19 19.86 12.26
N LEU A 143 12.25 18.77 11.50
CA LEU A 143 12.87 18.78 10.18
C LEU A 143 11.85 18.63 9.07
N GLU A 144 10.57 18.67 9.43
CA GLU A 144 9.51 18.39 8.47
C GLU A 144 8.68 19.62 8.14
N SER B 22 -29.27 24.91 5.62
N SER B 22 -28.90 24.88 5.11
CA SER B 22 -28.39 25.65 4.72
CA SER B 22 -28.13 25.78 4.25
C SER B 22 -28.14 24.85 3.45
C SER B 22 -27.62 25.05 3.03
N MET B 23 -27.79 25.54 2.37
N MET B 23 -27.05 25.80 2.08
CA MET B 23 -27.51 24.89 1.10
CA MET B 23 -26.44 25.22 0.89
C MET B 23 -26.12 24.24 1.13
C MET B 23 -25.36 24.23 1.28
N GLU B 24 -25.34 24.56 2.16
N GLU B 24 -24.59 24.61 2.29
CA GLU B 24 -24.03 23.93 2.37
CA GLU B 24 -23.49 23.80 2.77
C GLU B 24 -24.20 22.52 2.93
C GLU B 24 -23.97 22.43 3.20
N GLN B 25 -25.12 22.38 3.88
CA GLN B 25 -25.59 21.08 4.35
C GLN B 25 -26.09 20.22 3.20
N VAL B 26 -26.84 20.84 2.29
CA VAL B 26 -27.38 20.13 1.14
C VAL B 26 -26.24 19.56 0.31
N ALA B 27 -25.23 20.39 0.05
CA ALA B 27 -24.08 19.94 -0.72
C ALA B 27 -23.35 18.78 -0.05
N MET B 28 -23.18 18.81 1.27
CA MET B 28 -22.46 17.74 1.93
CA MET B 28 -22.49 17.75 1.98
C MET B 28 -23.28 16.44 1.89
N GLU B 29 -24.59 16.54 2.06
CA GLU B 29 -25.43 15.35 2.01
C GLU B 29 -25.47 14.78 0.59
N LEU B 30 -25.48 15.64 -0.42
CA LEU B 30 -25.42 15.15 -1.80
C LEU B 30 -24.09 14.46 -2.09
N ARG B 31 -22.99 15.03 -1.61
CA ARG B 31 -21.70 14.37 -1.84
C ARG B 31 -21.64 13.03 -1.13
N LEU B 32 -22.22 12.96 0.07
CA LEU B 32 -22.31 11.72 0.82
C LEU B 32 -23.05 10.66 0.02
N THR B 33 -24.25 11.00 -0.44
CA THR B 33 -25.07 9.96 -1.04
C THR B 33 -24.58 9.58 -2.45
N GLU B 34 -23.99 10.53 -3.16
CA GLU B 34 -23.44 10.23 -4.48
C GLU B 34 -22.16 9.40 -4.37
N LEU B 35 -21.37 9.66 -3.33
CA LEU B 35 -20.21 8.80 -3.07
C LEU B 35 -20.65 7.38 -2.79
N THR B 36 -21.65 7.22 -1.92
CA THR B 36 -22.15 5.90 -1.61
C THR B 36 -22.67 5.19 -2.85
N ARG B 37 -23.36 5.92 -3.72
CA ARG B 37 -23.88 5.36 -4.97
CA ARG B 37 -23.87 5.34 -4.96
C ARG B 37 -22.73 4.83 -5.82
N LEU B 38 -21.69 5.65 -5.96
CA LEU B 38 -20.54 5.27 -6.76
C LEU B 38 -19.83 4.06 -6.17
N LEU B 39 -19.53 4.10 -4.86
CA LEU B 39 -18.81 2.99 -4.24
C LEU B 39 -19.60 1.69 -4.30
N ARG B 40 -20.93 1.79 -4.17
CA ARG B 40 -21.72 0.57 -4.24
C ARG B 40 -21.59 -0.06 -5.62
N SER B 41 -21.59 0.77 -6.66
CA SER B 41 -21.44 0.27 -8.02
C SER B 41 -20.05 -0.33 -8.23
N VAL B 42 -19.03 0.37 -7.72
CA VAL B 42 -17.66 -0.12 -7.81
C VAL B 42 -17.52 -1.48 -7.12
N LEU B 43 -18.07 -1.61 -5.92
CA LEU B 43 -17.93 -2.86 -5.18
C LEU B 43 -18.65 -3.99 -5.91
N ASP B 44 -19.83 -3.70 -6.46
N ASP B 44 -19.83 -3.69 -6.46
CA ASP B 44 -20.55 -4.72 -7.20
CA ASP B 44 -20.57 -4.66 -7.24
C ASP B 44 -19.74 -5.15 -8.44
C ASP B 44 -19.71 -5.15 -8.41
N GLN B 45 -19.10 -4.21 -9.13
CA GLN B 45 -18.28 -4.53 -10.30
C GLN B 45 -17.07 -5.36 -9.91
N LEU B 46 -16.50 -5.09 -8.74
CA LEU B 46 -15.36 -5.86 -8.29
C LEU B 46 -15.80 -7.26 -7.89
N GLN B 47 -16.85 -7.36 -7.09
CA GLN B 47 -17.26 -8.68 -6.63
C GLN B 47 -17.80 -9.56 -7.76
N ASP B 48 -18.41 -8.96 -8.77
CA ASP B 48 -18.90 -9.71 -9.93
CA ASP B 48 -18.90 -9.72 -9.91
C ASP B 48 -17.76 -10.45 -10.65
N LYS B 49 -16.54 -9.98 -10.45
CA LYS B 49 -15.39 -10.61 -11.10
C LYS B 49 -14.77 -11.74 -10.26
N ASP B 50 -15.43 -12.07 -9.15
CA ASP B 50 -14.98 -13.15 -8.26
C ASP B 50 -16.11 -14.18 -8.13
N PRO B 51 -16.51 -14.80 -9.24
CA PRO B 51 -17.63 -15.76 -9.13
C PRO B 51 -17.30 -16.99 -8.27
N ALA B 52 -16.02 -17.26 -8.03
CA ALA B 52 -15.65 -18.40 -7.20
C ALA B 52 -15.72 -18.07 -5.71
N ARG B 53 -16.03 -16.80 -5.41
CA ARG B 53 -16.20 -16.32 -4.04
CA ARG B 53 -16.20 -16.32 -4.03
C ARG B 53 -14.95 -16.51 -3.19
N ILE B 54 -13.79 -16.44 -3.84
CA ILE B 54 -12.51 -16.55 -3.12
C ILE B 54 -12.33 -15.41 -2.11
N PHE B 55 -12.83 -14.23 -2.47
CA PHE B 55 -12.65 -13.02 -1.65
C PHE B 55 -13.93 -12.52 -1.02
N ALA B 56 -14.99 -13.35 -1.10
CA ALA B 56 -16.31 -12.92 -0.64
C ALA B 56 -16.44 -12.73 0.88
N GLN B 57 -15.71 -13.54 1.65
CA GLN B 57 -15.86 -13.62 3.09
C GLN B 57 -14.48 -13.70 3.74
N PRO B 58 -14.39 -13.39 5.05
CA PRO B 58 -13.10 -13.52 5.71
C PRO B 58 -12.54 -14.92 5.59
N VAL B 59 -11.22 -15.02 5.48
CA VAL B 59 -10.57 -16.31 5.52
C VAL B 59 -10.87 -16.94 6.89
N SER B 60 -11.30 -18.19 6.89
CA SER B 60 -11.67 -18.86 8.13
C SER B 60 -10.46 -19.34 8.91
N LEU B 61 -10.37 -18.95 10.17
CA LEU B 61 -9.27 -19.39 11.01
C LEU B 61 -9.45 -20.85 11.41
N LYS B 62 -10.68 -21.34 11.33
CA LYS B 62 -10.92 -22.77 11.52
C LYS B 62 -10.26 -23.57 10.39
N GLU B 63 -10.37 -23.05 9.17
CA GLU B 63 -9.82 -23.71 8.00
C GLU B 63 -8.32 -23.43 7.84
N VAL B 64 -7.93 -22.21 8.18
CA VAL B 64 -6.56 -21.76 7.99
C VAL B 64 -6.02 -21.21 9.32
N PRO B 65 -5.66 -22.12 10.25
CA PRO B 65 -5.32 -21.67 11.61
C PRO B 65 -4.10 -20.75 11.70
N ASP B 66 -3.20 -20.75 10.71
CA ASP B 66 -2.03 -19.86 10.81
C ASP B 66 -2.23 -18.53 10.09
N TYR B 67 -3.44 -18.26 9.59
CA TYR B 67 -3.65 -17.07 8.73
C TYR B 67 -3.23 -15.78 9.44
N LEU B 68 -3.60 -15.61 10.71
CA LEU B 68 -3.25 -14.38 11.43
C LEU B 68 -1.80 -14.33 11.92
N ASP B 69 -1.08 -15.45 11.83
CA ASP B 69 0.37 -15.43 12.04
C ASP B 69 1.02 -14.51 11.03
N HIS B 70 0.43 -14.44 9.85
CA HIS B 70 1.07 -13.83 8.71
C HIS B 70 0.38 -12.59 8.20
N ILE B 71 -0.95 -12.57 8.29
CA ILE B 71 -1.74 -11.43 7.80
C ILE B 71 -2.25 -10.61 8.98
N LYS B 72 -1.76 -9.38 9.06
CA LYS B 72 -2.10 -8.51 10.18
C LYS B 72 -3.46 -7.83 10.06
N HIS B 73 -3.87 -7.49 8.85
CA HIS B 73 -5.17 -6.82 8.63
C HIS B 73 -6.00 -7.53 7.56
N PRO B 74 -6.71 -8.58 7.96
CA PRO B 74 -7.60 -9.32 7.06
C PRO B 74 -8.67 -8.43 6.42
N MET B 75 -9.02 -8.73 5.17
CA MET B 75 -10.07 -7.99 4.47
C MET B 75 -10.74 -8.90 3.43
N ASP B 76 -12.01 -8.60 3.15
CA ASP B 76 -12.81 -9.36 2.22
C ASP B 76 -13.96 -8.46 1.76
N PHE B 77 -14.65 -8.86 0.70
CA PHE B 77 -15.72 -8.04 0.14
C PHE B 77 -16.89 -7.81 1.11
N ALA B 78 -17.26 -8.82 1.90
CA ALA B 78 -18.39 -8.62 2.81
C ALA B 78 -18.06 -7.57 3.87
N THR B 79 -16.83 -7.60 4.37
CA THR B 79 -16.38 -6.64 5.35
C THR B 79 -16.38 -5.24 4.72
N MET B 80 -15.99 -5.16 3.45
CA MET B 80 -16.03 -3.89 2.74
C MET B 80 -17.47 -3.40 2.58
N ARG B 81 -18.38 -4.32 2.27
CA ARG B 81 -19.77 -3.91 2.03
C ARG B 81 -20.40 -3.37 3.32
N LYS B 82 -20.08 -4.01 4.44
CA LYS B 82 -20.47 -3.54 5.77
C LYS B 82 -20.00 -2.11 6.04
N ARG B 83 -18.72 -1.86 5.82
CA ARG B 83 -18.17 -0.52 6.03
C ARG B 83 -18.82 0.50 5.10
N LEU B 84 -19.00 0.11 3.83
CA LEU B 84 -19.65 0.96 2.85
C LEU B 84 -21.04 1.39 3.29
N GLU B 85 -21.88 0.41 3.62
CA GLU B 85 -23.27 0.72 3.92
C GLU B 85 -23.41 1.47 5.25
N ALA B 86 -22.43 1.32 6.13
CA ALA B 86 -22.44 2.05 7.40
C ALA B 86 -21.84 3.44 7.28
N GLN B 87 -21.56 3.85 6.04
CA GLN B 87 -20.98 5.16 5.76
CA GLN B 87 -20.93 5.13 5.71
C GLN B 87 -19.54 5.30 6.32
N GLY B 88 -18.78 4.21 6.33
CA GLY B 88 -17.42 4.22 6.87
C GLY B 88 -16.28 4.62 5.93
N TYR B 89 -16.59 4.82 4.66
CA TYR B 89 -15.61 5.31 3.70
C TYR B 89 -15.83 6.82 3.48
N LYS B 90 -14.83 7.62 3.81
CA LYS B 90 -14.95 9.06 3.68
C LYS B 90 -14.72 9.49 2.23
N ASN B 91 -13.96 8.67 1.50
CA ASN B 91 -13.58 9.01 0.14
C ASN B 91 -13.20 7.74 -0.60
N LEU B 92 -12.97 7.89 -1.90
CA LEU B 92 -12.61 6.74 -2.73
C LEU B 92 -11.29 6.08 -2.30
N HIS B 93 -10.35 6.89 -1.82
CA HIS B 93 -9.03 6.38 -1.45
C HIS B 93 -9.14 5.37 -0.31
N GLU B 94 -9.97 5.66 0.68
CA GLU B 94 -10.19 4.71 1.79
C GLU B 94 -10.77 3.38 1.31
N PHE B 95 -11.66 3.44 0.34
CA PHE B 95 -12.21 2.26 -0.31
C PHE B 95 -11.09 1.50 -1.05
N GLU B 96 -10.32 2.24 -1.85
CA GLU B 96 -9.19 1.66 -2.57
CA GLU B 96 -9.19 1.66 -2.57
C GLU B 96 -8.21 0.93 -1.63
N GLU B 97 -7.94 1.53 -0.48
CA GLU B 97 -7.02 0.90 0.48
C GLU B 97 -7.53 -0.44 0.99
N ASP B 98 -8.84 -0.58 1.19
CA ASP B 98 -9.37 -1.88 1.62
C ASP B 98 -9.28 -2.90 0.47
N PHE B 99 -9.51 -2.46 -0.76
CA PHE B 99 -9.40 -3.39 -1.91
C PHE B 99 -7.97 -3.88 -2.04
N ASP B 100 -7.01 -2.95 -1.91
CA ASP B 100 -5.60 -3.34 -1.94
C ASP B 100 -5.26 -4.35 -0.84
N LEU B 101 -5.85 -4.19 0.34
CA LEU B 101 -5.64 -5.17 1.42
C LEU B 101 -6.06 -6.56 0.97
N ILE B 102 -7.21 -6.67 0.33
CA ILE B 102 -7.68 -7.98 -0.13
C ILE B 102 -6.63 -8.62 -1.06
N ILE B 103 -6.18 -7.84 -2.04
CA ILE B 103 -5.21 -8.28 -3.02
C ILE B 103 -3.86 -8.57 -2.39
N ASP B 104 -3.36 -7.63 -1.58
CA ASP B 104 -2.03 -7.76 -1.02
C ASP B 104 -1.94 -8.91 -0.03
N ASN B 105 -2.98 -9.09 0.79
CA ASN B 105 -3.02 -10.20 1.74
C ASN B 105 -2.92 -11.53 1.02
N CYS B 106 -3.66 -11.63 -0.09
CA CYS B 106 -3.70 -12.88 -0.83
C CYS B 106 -2.37 -13.17 -1.51
N MET B 107 -1.75 -12.13 -2.08
CA MET B 107 -0.45 -12.31 -2.71
C MET B 107 0.64 -12.59 -1.71
N LYS B 108 0.50 -12.07 -0.49
CA LYS B 108 1.48 -12.36 0.55
CA LYS B 108 1.47 -12.37 0.58
C LYS B 108 1.34 -13.77 1.16
N TYR B 109 0.10 -14.18 1.41
CA TYR B 109 -0.14 -15.48 2.05
C TYR B 109 0.17 -16.65 1.12
N ASN B 110 -0.21 -16.51 -0.14
CA ASN B 110 -0.13 -17.60 -1.11
C ASN B 110 1.09 -17.53 -2.04
N ALA B 111 1.63 -18.69 -2.39
CA ALA B 111 2.76 -18.74 -3.33
C ALA B 111 2.29 -18.36 -4.74
N ARG B 112 3.19 -17.85 -5.57
N ARG B 112 3.21 -17.84 -5.55
CA ARG B 112 2.74 -17.30 -6.86
CA ARG B 112 2.88 -17.36 -6.90
C ARG B 112 2.25 -18.37 -7.84
C ARG B 112 2.16 -18.40 -7.72
N ASP B 113 2.69 -19.60 -7.66
CA ASP B 113 2.23 -20.68 -8.49
C ASP B 113 1.04 -21.38 -7.81
N THR B 114 -0.01 -20.62 -7.55
CA THR B 114 -1.25 -21.12 -6.95
C THR B 114 -2.43 -20.44 -7.62
N VAL B 115 -3.59 -21.07 -7.57
CA VAL B 115 -4.77 -20.50 -8.22
C VAL B 115 -5.22 -19.23 -7.51
N PHE B 116 -5.05 -19.21 -6.19
CA PHE B 116 -5.46 -18.05 -5.42
C PHE B 116 -4.62 -16.83 -5.65
N TYR B 117 -3.30 -16.98 -5.66
CA TYR B 117 -2.42 -15.88 -6.02
C TYR B 117 -2.74 -15.38 -7.42
N ARG B 118 -2.94 -16.30 -8.35
CA ARG B 118 -3.24 -15.86 -9.71
C ARG B 118 -4.60 -15.13 -9.76
N ALA B 119 -5.56 -15.55 -8.94
CA ALA B 119 -6.83 -14.86 -8.90
C ALA B 119 -6.66 -13.43 -8.36
N ALA B 120 -5.73 -13.24 -7.40
CA ALA B 120 -5.54 -11.91 -6.82
C ALA B 120 -4.93 -10.99 -7.87
N VAL B 121 -3.95 -11.51 -8.60
CA VAL B 121 -3.32 -10.73 -9.67
C VAL B 121 -4.34 -10.36 -10.75
N ARG B 122 -5.18 -11.32 -11.10
CA ARG B 122 -6.25 -11.08 -12.07
C ARG B 122 -7.19 -9.98 -11.60
N LEU B 123 -7.65 -10.09 -10.37
CA LEU B 123 -8.61 -9.15 -9.81
C LEU B 123 -7.98 -7.78 -9.60
N ARG B 124 -6.70 -7.76 -9.26
CA ARG B 124 -5.99 -6.49 -9.13
C ARG B 124 -5.96 -5.70 -10.42
N ASP B 125 -5.60 -6.38 -11.53
N ASP B 125 -5.65 -6.39 -11.51
CA ASP B 125 -5.54 -5.73 -12.83
CA ASP B 125 -5.49 -5.70 -12.79
C ASP B 125 -6.91 -5.21 -13.21
C ASP B 125 -6.86 -5.29 -13.35
N GLN B 126 -7.90 -6.09 -13.12
CA GLN B 126 -9.25 -5.71 -13.47
C GLN B 126 -9.74 -4.57 -12.56
N GLY B 127 -9.40 -4.67 -11.28
CA GLY B 127 -9.85 -3.70 -10.31
C GLY B 127 -9.21 -2.34 -10.52
N GLY B 128 -7.96 -2.34 -10.94
CA GLY B 128 -7.29 -1.08 -11.19
C GLY B 128 -8.01 -0.26 -12.25
N VAL B 129 -8.54 -0.93 -13.27
CA VAL B 129 -9.25 -0.24 -14.33
C VAL B 129 -10.56 0.34 -13.79
N VAL B 130 -11.28 -0.48 -13.02
CA VAL B 130 -12.54 -0.05 -12.42
C VAL B 130 -12.33 1.16 -11.53
N LEU B 131 -11.27 1.12 -10.72
CA LEU B 131 -10.97 2.19 -9.77
C LEU B 131 -10.45 3.46 -10.46
N ARG B 132 -9.70 3.33 -11.55
CA ARG B 132 -9.28 4.53 -12.25
C ARG B 132 -10.49 5.22 -12.87
N GLN B 133 -11.45 4.44 -13.35
CA GLN B 133 -12.69 5.01 -13.87
C GLN B 133 -13.50 5.67 -12.76
N ALA B 134 -13.51 5.04 -11.59
CA ALA B 134 -14.20 5.62 -10.44
C ALA B 134 -13.61 6.97 -10.05
N ARG B 135 -12.29 7.11 -10.20
CA ARG B 135 -11.62 8.38 -9.90
C ARG B 135 -12.09 9.46 -10.89
N ARG B 136 -12.24 9.07 -12.17
CA ARG B 136 -12.78 10.00 -13.17
C ARG B 136 -14.17 10.46 -12.76
N GLU B 137 -15.01 9.53 -12.29
CA GLU B 137 -16.35 9.86 -11.83
C GLU B 137 -16.34 10.75 -10.60
N VAL B 138 -15.38 10.53 -9.70
CA VAL B 138 -15.24 11.39 -8.53
C VAL B 138 -14.99 12.84 -8.99
N ASP B 139 -14.11 13.00 -9.97
CA ASP B 139 -13.78 14.34 -10.45
C ASP B 139 -14.93 14.95 -11.24
N SER B 140 -15.61 14.15 -12.04
CA SER B 140 -16.74 14.62 -12.85
C SER B 140 -17.93 15.05 -11.98
N ILE B 141 -18.22 14.25 -10.96
CA ILE B 141 -19.36 14.54 -10.08
C ILE B 141 -19.04 15.64 -9.06
N GLY B 142 -17.77 15.78 -8.70
CA GLY B 142 -17.36 16.78 -7.74
C GLY B 142 -17.40 16.30 -6.29
N LEU B 143 -17.06 15.04 -6.10
CA LEU B 143 -17.23 14.42 -4.79
C LEU B 143 -16.21 14.87 -3.77
N GLU B 144 -15.12 15.46 -4.23
CA GLU B 144 -14.10 15.95 -3.29
C GLU B 144 -13.93 17.48 -3.36
C1 EDO C . 13.46 -12.12 -6.28
O1 EDO C . 12.42 -11.84 -5.34
C2 EDO C . 13.90 -13.57 -6.13
O2 EDO C . 12.75 -14.44 -6.10
C1 EDO D . 14.03 -10.33 -2.99
O1 EDO D . 15.20 -10.85 -3.62
C2 EDO D . 13.91 -8.84 -3.28
O2 EDO D . 12.54 -8.46 -3.15
N1 8RV E . 14.74 -10.48 -5.21
C4 8RV E . 14.25 -12.89 -5.10
C5 8RV E . 14.36 -14.20 -5.88
C6 8RV E . 14.39 -13.10 -8.00
C7 8RV E . 14.25 -11.74 -7.33
C8 8RV E . 15.05 -15.41 -7.73
C10 8RV E . 17.14 -15.66 -9.11
C13 8RV E . 15.69 -15.88 -11.43
C1 8RV E . 13.95 -8.56 -3.95
C2 8RV E . 13.68 -9.88 -4.64
C3 8RV E . 14.83 -11.76 -5.93
N2 8RV E . 15.07 -14.07 -7.15
C9 8RV E . 15.76 -15.58 -9.05
C11 8RV E . 17.79 -15.84 -10.32
C12 8RV E . 17.06 -15.94 -11.47
C14 8RV E . 15.03 -15.70 -10.23
O1 8RV E . 12.54 -10.31 -4.62
NA NA F . 3.25 -14.88 -2.50
C1 EDO G . -8.83 4.99 -6.68
O1 EDO G . -8.64 6.10 -5.79
C2 EDO G . -8.35 5.32 -8.07
O2 EDO G . -7.26 6.24 -8.00
N1 8RV H . -7.47 -17.82 0.50
C4 8RV H . -6.38 -19.32 2.09
C5 8RV H . -5.42 -20.50 2.20
C6 8RV H . -6.04 -21.26 0.04
C7 8RV H . -7.03 -20.11 -0.10
C8 8RV H . -4.97 -22.78 1.51
C10 8RV H . -3.76 -23.12 3.70
C13 8RV H . -5.72 -24.83 4.60
C1 8RV H . -8.13 -15.50 0.06
C2 8RV H . -7.10 -16.54 0.34
C3 8RV H . -6.49 -18.90 0.64
N2 8RV H . -5.89 -21.65 1.44
C9 8RV H . -4.85 -23.39 2.88
C11 8RV H . -3.66 -23.70 4.95
C12 8RV H . -4.64 -24.55 5.40
C14 8RV H . -5.83 -24.26 3.34
O1 8RV H . -5.92 -16.22 0.45
#